data_9N31
# 
_entry.id   9N31 
# 
_audit_conform.dict_name       mmcif_pdbx.dic 
_audit_conform.dict_version    5.403 
_audit_conform.dict_location   http://mmcif.pdb.org/dictionaries/ascii/mmcif_pdbx.dic 
# 
loop_
_database_2.database_id 
_database_2.database_code 
_database_2.pdbx_database_accession 
_database_2.pdbx_DOI 
PDB   9N31         pdb_00009n31 10.2210/pdb9n31/pdb 
WWPDB D_1000292393 ?            ?                   
# 
loop_
_pdbx_audit_revision_history.ordinal 
_pdbx_audit_revision_history.data_content_type 
_pdbx_audit_revision_history.major_revision 
_pdbx_audit_revision_history.minor_revision 
_pdbx_audit_revision_history.revision_date 
_pdbx_audit_revision_history.part_number 
1 'Structure model' 1 0 2025-03-26 ? 
2 'Structure model' 1 1 2025-04-16 ? 
# 
_pdbx_audit_revision_details.ordinal             1 
_pdbx_audit_revision_details.revision_ordinal    1 
_pdbx_audit_revision_details.data_content_type   'Structure model' 
_pdbx_audit_revision_details.provider            repository 
_pdbx_audit_revision_details.type                'Initial release' 
_pdbx_audit_revision_details.description         ? 
_pdbx_audit_revision_details.details             ? 
# 
_pdbx_audit_revision_group.ordinal             1 
_pdbx_audit_revision_group.revision_ordinal    2 
_pdbx_audit_revision_group.data_content_type   'Structure model' 
_pdbx_audit_revision_group.group               'Database references' 
# 
loop_
_pdbx_audit_revision_category.ordinal 
_pdbx_audit_revision_category.revision_ordinal 
_pdbx_audit_revision_category.data_content_type 
_pdbx_audit_revision_category.category 
1 2 'Structure model' citation        
2 2 'Structure model' citation_author 
# 
loop_
_pdbx_audit_revision_item.ordinal 
_pdbx_audit_revision_item.revision_ordinal 
_pdbx_audit_revision_item.data_content_type 
_pdbx_audit_revision_item.item 
1 2 'Structure model' '_citation.journal_volume'          
2 2 'Structure model' '_citation.page_first'              
3 2 'Structure model' '_citation.page_last'               
4 2 'Structure model' '_citation_author.identifier_ORCID' 
# 
_pdbx_database_status.status_code                     REL 
_pdbx_database_status.status_code_sf                  REL 
_pdbx_database_status.status_code_mr                  ? 
_pdbx_database_status.entry_id                        9N31 
_pdbx_database_status.recvd_initial_deposition_date   2025-01-29 
_pdbx_database_status.SG_entry                        N 
_pdbx_database_status.deposit_site                    RCSB 
_pdbx_database_status.process_site                    RCSB 
_pdbx_database_status.status_code_cs                  ? 
_pdbx_database_status.status_code_nmr_data            ? 
_pdbx_database_status.methods_development_category    ? 
_pdbx_database_status.pdb_format_compatible           Y 
# 
_pdbx_database_related.db_name        PDB 
_pdbx_database_related.details        'PDB entry in the same citation' 
_pdbx_database_related.db_id          9DYW 
_pdbx_database_related.content_type   unspecified 
# 
_pdbx_contact_author.id                 2 
_pdbx_contact_author.email              jraskato@ucsc.edu 
_pdbx_contact_author.name_first         Jevgenij 
_pdbx_contact_author.name_last          Raskatov 
_pdbx_contact_author.name_mi            A 
_pdbx_contact_author.role               'principal investigator/group leader' 
_pdbx_contact_author.identifier_ORCID   0000-0002-0082-9113 
# 
loop_
_audit_author.name 
_audit_author.pdbx_ordinal 
_audit_author.identifier_ORCID 
'Sawaya, M.R.'   1 0000-0003-0874-9043 
'Raskatov, J.A.' 2 0000-0002-0082-9113 
'Hazari, A.'     3 0009-0005-2071-1322 
# 
_citation.abstract                  ? 
_citation.abstract_id_CAS           ? 
_citation.book_id_ISBN              ? 
_citation.book_publisher            ? 
_citation.book_publisher_city       ? 
_citation.book_title                ? 
_citation.coordinate_linkage        ? 
_citation.country                   UK 
_citation.database_id_Medline       ? 
_citation.details                   ? 
_citation.id                        primary 
_citation.journal_abbrev            'Chem Sci' 
_citation.journal_id_ASTM           ? 
_citation.journal_id_CSD            ? 
_citation.journal_id_ISSN           2041-6520 
_citation.journal_full              ? 
_citation.journal_issue             ? 
_citation.journal_volume            16 
_citation.language                  ? 
_citation.page_first                5907 
_citation.page_last                 5917 
_citation.title                     
;Formation of rippled beta-sheets from mixed chirality linear and cyclic peptides-new structural motifs based on the pauling-corey rippled beta-sheet.
;
_citation.year                      2025 
_citation.database_id_CSD           ? 
_citation.pdbx_database_id_DOI      10.1039/d4sc08079c 
_citation.pdbx_database_id_PubMed   40060095 
_citation.pdbx_database_id_patent   ? 
_citation.unpublished_flag          ? 
# 
loop_
_citation_author.citation_id 
_citation_author.name 
_citation_author.ordinal 
_citation_author.identifier_ORCID 
primary 'Hazari, A.'        1 ? 
primary 'Sawaya, M.R.'      2 ? 
primary 'Lee, H.'           3 ? 
primary 'Sajimon, M.'       4 ? 
primary 'Kim, H.'           5 ? 
primary 'Goddard Iii, W.A.' 6 ? 
primary 'Eisenberg, D.'     7 ? 
primary 'Raskatov, J.A.'    8 ? 
# 
loop_
_entity.id 
_entity.type 
_entity.src_method 
_entity.pdbx_description 
_entity.formula_weight 
_entity.pdbx_number_of_molecules 
_entity.pdbx_ec 
_entity.pdbx_mutation 
_entity.pdbx_fragment 
_entity.details 
1 polymer syn QVGGVV 557.640 1 ? ? ? ? 
2 water   nat water  18.015  4 ? ? ? ? 
# 
_entity_poly.entity_id                      1 
_entity_poly.type                           'polypeptide(L)' 
_entity_poly.nstd_linkage                   no 
_entity_poly.nstd_monomer                   no 
_entity_poly.pdbx_seq_one_letter_code       QVGGVV 
_entity_poly.pdbx_seq_one_letter_code_can   QVGGVV 
_entity_poly.pdbx_strand_id                 A 
_entity_poly.pdbx_target_identifier         ? 
# 
_pdbx_entity_nonpoly.entity_id   2 
_pdbx_entity_nonpoly.name        water 
_pdbx_entity_nonpoly.comp_id     HOH 
# 
loop_
_entity_poly_seq.entity_id 
_entity_poly_seq.num 
_entity_poly_seq.mon_id 
_entity_poly_seq.hetero 
1 1 GLN n 
1 2 VAL n 
1 3 GLY n 
1 4 GLY n 
1 5 VAL n 
1 6 VAL n 
# 
_pdbx_entity_src_syn.entity_id              1 
_pdbx_entity_src_syn.pdbx_src_id            1 
_pdbx_entity_src_syn.pdbx_alt_source_flag   sample 
_pdbx_entity_src_syn.pdbx_beg_seq_num       1 
_pdbx_entity_src_syn.pdbx_end_seq_num       6 
_pdbx_entity_src_syn.organism_scientific    'synthetic construct' 
_pdbx_entity_src_syn.organism_common_name   ? 
_pdbx_entity_src_syn.ncbi_taxonomy_id       32630 
_pdbx_entity_src_syn.details                ? 
# 
loop_
_chem_comp.id 
_chem_comp.type 
_chem_comp.mon_nstd_flag 
_chem_comp.name 
_chem_comp.pdbx_synonyms 
_chem_comp.formula 
_chem_comp.formula_weight 
GLN 'L-peptide linking' y GLUTAMINE ? 'C5 H10 N2 O3' 146.144 
GLY 'peptide linking'   y GLYCINE   ? 'C2 H5 N O2'   75.067  
HOH non-polymer         . WATER     ? 'H2 O'         18.015  
VAL 'L-peptide linking' y VALINE    ? 'C5 H11 N O2'  117.146 
# 
loop_
_pdbx_poly_seq_scheme.asym_id 
_pdbx_poly_seq_scheme.entity_id 
_pdbx_poly_seq_scheme.seq_id 
_pdbx_poly_seq_scheme.mon_id 
_pdbx_poly_seq_scheme.ndb_seq_num 
_pdbx_poly_seq_scheme.pdb_seq_num 
_pdbx_poly_seq_scheme.auth_seq_num 
_pdbx_poly_seq_scheme.pdb_mon_id 
_pdbx_poly_seq_scheme.auth_mon_id 
_pdbx_poly_seq_scheme.pdb_strand_id 
_pdbx_poly_seq_scheme.pdb_ins_code 
_pdbx_poly_seq_scheme.hetero 
A 1 1 GLN 1 1 1 GLN GLN A . n 
A 1 2 VAL 2 2 2 VAL VAL A . n 
A 1 3 GLY 3 3 3 GLY GLY A . n 
A 1 4 GLY 4 4 4 GLY GLY A . n 
A 1 5 VAL 5 5 5 VAL VAL A . n 
A 1 6 VAL 6 6 6 VAL VAL A . n 
# 
loop_
_pdbx_nonpoly_scheme.asym_id 
_pdbx_nonpoly_scheme.entity_id 
_pdbx_nonpoly_scheme.mon_id 
_pdbx_nonpoly_scheme.ndb_seq_num 
_pdbx_nonpoly_scheme.pdb_seq_num 
_pdbx_nonpoly_scheme.auth_seq_num 
_pdbx_nonpoly_scheme.pdb_mon_id 
_pdbx_nonpoly_scheme.auth_mon_id 
_pdbx_nonpoly_scheme.pdb_strand_id 
_pdbx_nonpoly_scheme.pdb_ins_code 
B 2 HOH 1 101 3 HOH HOH A . 
B 2 HOH 2 102 4 HOH HOH A . 
B 2 HOH 3 103 1 HOH HOH A . 
B 2 HOH 4 104 2 HOH HOH A . 
# 
loop_
_software.citation_id 
_software.classification 
_software.compiler_name 
_software.compiler_version 
_software.contact_author 
_software.contact_author_email 
_software.date 
_software.description 
_software.dependencies 
_software.hardware 
_software.language 
_software.location 
_software.mods 
_software.name 
_software.os 
_software.os_version 
_software.type 
_software.version 
_software.pdbx_ordinal 
? refinement       ? ? ? ? ? ? ? ? ? ? ? REFMAC ? ? ? 5.8.0419                               1 
? 'data scaling'   ? ? ? ? ? ? ? ? ? ? ? XSCALE ? ? ? 'VERSION Jun 30, 2024  BUILT=20240723' 2 
? 'data reduction' ? ? ? ? ? ? ? ? ? ? ? XDS    ? ? ? 'VERSION Jun 30, 2024  BUILT=20240723' 3 
? phasing          ? ? ? ? ? ? ? ? ? ? ? SHELXT ? ? ? 'VERSION 2018/2'                       4 
# 
_cell.angle_alpha                  91.193 
_cell.angle_alpha_esd              ? 
_cell.angle_beta                   90.619 
_cell.angle_beta_esd               ? 
_cell.angle_gamma                  98.086 
_cell.angle_gamma_esd              ? 
_cell.entry_id                     9N31 
_cell.details                      ? 
_cell.formula_units_Z              ? 
_cell.length_a                     23.720 
_cell.length_a_esd                 ? 
_cell.length_b                     7.360 
_cell.length_b_esd                 ? 
_cell.length_c                     9.240 
_cell.length_c_esd                 ? 
_cell.volume                       ? 
_cell.volume_esd                   ? 
_cell.Z_PDB                        2 
_cell.reciprocal_angle_alpha       ? 
_cell.reciprocal_angle_beta        ? 
_cell.reciprocal_angle_gamma       ? 
_cell.reciprocal_angle_alpha_esd   ? 
_cell.reciprocal_angle_beta_esd    ? 
_cell.reciprocal_angle_gamma_esd   ? 
_cell.reciprocal_length_a          ? 
_cell.reciprocal_length_b          ? 
_cell.reciprocal_length_c          ? 
_cell.reciprocal_length_a_esd      ? 
_cell.reciprocal_length_b_esd      ? 
_cell.reciprocal_length_c_esd      ? 
_cell.pdbx_unique_axis             ? 
_cell.pdbx_esd_method              ? 
# 
_symmetry.entry_id                         9N31 
_symmetry.cell_setting                     ? 
_symmetry.Int_Tables_number                2 
_symmetry.space_group_name_Hall            ? 
_symmetry.space_group_name_H-M             'P -1' 
_symmetry.pdbx_full_space_group_name_H-M   ? 
# 
_exptl.absorpt_coefficient_mu     ? 
_exptl.absorpt_correction_T_max   ? 
_exptl.absorpt_correction_T_min   ? 
_exptl.absorpt_correction_type    ? 
_exptl.absorpt_process_details    ? 
_exptl.entry_id                   9N31 
_exptl.crystals_number            1 
_exptl.details                    ? 
_exptl.method                     'X-RAY DIFFRACTION' 
_exptl.method_details             ? 
# 
_exptl_crystal.colour                       ? 
_exptl_crystal.density_diffrn               ? 
_exptl_crystal.density_Matthews             1.43 
_exptl_crystal.density_method               ? 
_exptl_crystal.density_percent_sol          14.08 
_exptl_crystal.description                  needle 
_exptl_crystal.F_000                        ? 
_exptl_crystal.id                           1 
_exptl_crystal.preparation                  ? 
_exptl_crystal.size_max                     ? 
_exptl_crystal.size_mid                     ? 
_exptl_crystal.size_min                     ? 
_exptl_crystal.size_rad                     ? 
_exptl_crystal.colour_lustre                ? 
_exptl_crystal.colour_modifier              ? 
_exptl_crystal.colour_primary               ? 
_exptl_crystal.density_meas                 ? 
_exptl_crystal.density_meas_esd             ? 
_exptl_crystal.density_meas_gt              ? 
_exptl_crystal.density_meas_lt              ? 
_exptl_crystal.density_meas_temp            ? 
_exptl_crystal.density_meas_temp_esd        ? 
_exptl_crystal.density_meas_temp_gt         ? 
_exptl_crystal.density_meas_temp_lt         ? 
_exptl_crystal.pdbx_crystal_image_url       ? 
_exptl_crystal.pdbx_crystal_image_format    ? 
_exptl_crystal.pdbx_mosaicity               ? 
_exptl_crystal.pdbx_mosaicity_esd           ? 
_exptl_crystal.pdbx_mosaic_method           ? 
_exptl_crystal.pdbx_mosaic_block_size       ? 
_exptl_crystal.pdbx_mosaic_block_size_esd   ? 
# 
_exptl_crystal_grow.apparatus       ? 
_exptl_crystal_grow.atmosphere      ? 
_exptl_crystal_grow.crystal_id      1 
_exptl_crystal_grow.details         ? 
_exptl_crystal_grow.method          'BATCH MODE' 
_exptl_crystal_grow.method_ref      ? 
_exptl_crystal_grow.pH              4 
_exptl_crystal_grow.pressure        ? 
_exptl_crystal_grow.pressure_esd    ? 
_exptl_crystal_grow.seeding         ? 
_exptl_crystal_grow.seeding_ref     ? 
_exptl_crystal_grow.temp_details    ? 
_exptl_crystal_grow.temp_esd        ? 
_exptl_crystal_grow.time            ? 
_exptl_crystal_grow.pdbx_details    '10% isopropanol in water' 
_exptl_crystal_grow.pdbx_pH_range   3-6 
_exptl_crystal_grow.temp            298 
# 
_diffrn.ambient_environment              ? 
_diffrn.ambient_temp                     100 
_diffrn.ambient_temp_details             ? 
_diffrn.ambient_temp_esd                 ? 
_diffrn.crystal_id                       1 
_diffrn.crystal_support                  ? 
_diffrn.crystal_treatment                ? 
_diffrn.details                          ? 
_diffrn.id                               1 
_diffrn.ambient_pressure                 ? 
_diffrn.ambient_pressure_esd             ? 
_diffrn.ambient_pressure_gt              ? 
_diffrn.ambient_pressure_lt              ? 
_diffrn.ambient_temp_gt                  ? 
_diffrn.ambient_temp_lt                  ? 
_diffrn.pdbx_serial_crystal_experiment   N 
# 
_diffrn_detector.details                      ? 
_diffrn_detector.detector                     PIXEL 
_diffrn_detector.diffrn_id                    1 
_diffrn_detector.type                         'DECTRIS EIGER X 16M' 
_diffrn_detector.area_resol_mean              ? 
_diffrn_detector.dtime                        ? 
_diffrn_detector.pdbx_frames_total            ? 
_diffrn_detector.pdbx_collection_time_total   ? 
_diffrn_detector.pdbx_collection_date         2024-06-11 
_diffrn_detector.pdbx_frequency               ? 
_diffrn_detector.id                           ? 
_diffrn_detector.number_of_axes               ? 
# 
_diffrn_radiation.collimation                      ? 
_diffrn_radiation.diffrn_id                        1 
_diffrn_radiation.filter_edge                      ? 
_diffrn_radiation.inhomogeneity                    ? 
_diffrn_radiation.monochromator                    ? 
_diffrn_radiation.polarisn_norm                    ? 
_diffrn_radiation.polarisn_ratio                   ? 
_diffrn_radiation.probe                            ? 
_diffrn_radiation.type                             ? 
_diffrn_radiation.xray_symbol                      ? 
_diffrn_radiation.wavelength_id                    1 
_diffrn_radiation.pdbx_monochromatic_or_laue_m_l   M 
_diffrn_radiation.pdbx_wavelength_list             ? 
_diffrn_radiation.pdbx_wavelength                  ? 
_diffrn_radiation.pdbx_diffrn_protocol             'SINGLE WAVELENGTH' 
_diffrn_radiation.pdbx_analyzer                    ? 
_diffrn_radiation.pdbx_scattering_type             x-ray 
# 
_diffrn_radiation_wavelength.id           1 
_diffrn_radiation_wavelength.wavelength   0.979330 
_diffrn_radiation_wavelength.wt           1.0 
# 
_diffrn_source.current                     ? 
_diffrn_source.details                     ? 
_diffrn_source.diffrn_id                   1 
_diffrn_source.power                       ? 
_diffrn_source.size                        ? 
_diffrn_source.source                      SYNCHROTRON 
_diffrn_source.target                      ? 
_diffrn_source.type                        'NSLS-II BEAMLINE 17-ID-2' 
_diffrn_source.voltage                     ? 
_diffrn_source.take-off_angle              ? 
_diffrn_source.pdbx_wavelength_list        0.979330 
_diffrn_source.pdbx_wavelength             ? 
_diffrn_source.pdbx_synchrotron_beamline   17-ID-2 
_diffrn_source.pdbx_synchrotron_site       NSLS-II 
# 
_reflns.B_iso_Wilson_estimate                          ? 
_reflns.entry_id                                       9N31 
_reflns.data_reduction_details                         ? 
_reflns.data_reduction_method                          ? 
_reflns.d_resolution_high                              1.1 
_reflns.d_resolution_low                               23.482 
_reflns.details                                        ? 
_reflns.limit_h_max                                    ? 
_reflns.limit_h_min                                    ? 
_reflns.limit_k_max                                    ? 
_reflns.limit_k_min                                    ? 
_reflns.limit_l_max                                    ? 
_reflns.limit_l_min                                    ? 
_reflns.number_all                                     ? 
_reflns.number_obs                                     2243 
_reflns.observed_criterion                             ? 
_reflns.observed_criterion_F_max                       ? 
_reflns.observed_criterion_F_min                       ? 
_reflns.observed_criterion_I_max                       ? 
_reflns.observed_criterion_I_min                       ? 
_reflns.observed_criterion_sigma_F                     ? 
_reflns.observed_criterion_sigma_I                     ? 
_reflns.percent_possible_obs                           89.4 
_reflns.R_free_details                                 ? 
_reflns.Rmerge_F_all                                   ? 
_reflns.Rmerge_F_obs                                   ? 
_reflns.Friedel_coverage                               ? 
_reflns.number_gt                                      ? 
_reflns.threshold_expression                           ? 
_reflns.pdbx_redundancy                                3.5 
_reflns.pdbx_netI_over_av_sigmaI                       ? 
_reflns.pdbx_netI_over_sigmaI                          4.84 
_reflns.pdbx_res_netI_over_av_sigmaI_2                 ? 
_reflns.pdbx_res_netI_over_sigmaI_2                    ? 
_reflns.pdbx_chi_squared                               ? 
_reflns.pdbx_scaling_rejects                           ? 
_reflns.pdbx_d_res_high_opt                            ? 
_reflns.pdbx_d_res_low_opt                             ? 
_reflns.pdbx_d_res_opt_method                          ? 
_reflns.phase_calculation_details                      ? 
_reflns.pdbx_Rrim_I_all                                0.2 
_reflns.pdbx_Rpim_I_all                                ? 
_reflns.pdbx_d_opt                                     ? 
_reflns.pdbx_number_measured_all                       ? 
_reflns.pdbx_diffrn_id                                 1 
_reflns.pdbx_ordinal                                   1 
_reflns.pdbx_CC_half                                   0.98 
_reflns.pdbx_CC_star                                   ? 
_reflns.pdbx_R_split                                   ? 
_reflns.pdbx_Rmerge_I_obs                              0.169 
_reflns.pdbx_Rmerge_I_all                              ? 
_reflns.pdbx_Rsym_value                                ? 
_reflns.pdbx_CC_split_method                           ? 
_reflns.pdbx_aniso_diffraction_limit_axis_1_ortho[1]   ? 
_reflns.pdbx_aniso_diffraction_limit_axis_1_ortho[2]   ? 
_reflns.pdbx_aniso_diffraction_limit_axis_1_ortho[3]   ? 
_reflns.pdbx_aniso_diffraction_limit_axis_2_ortho[1]   ? 
_reflns.pdbx_aniso_diffraction_limit_axis_2_ortho[2]   ? 
_reflns.pdbx_aniso_diffraction_limit_axis_2_ortho[3]   ? 
_reflns.pdbx_aniso_diffraction_limit_axis_3_ortho[1]   ? 
_reflns.pdbx_aniso_diffraction_limit_axis_3_ortho[2]   ? 
_reflns.pdbx_aniso_diffraction_limit_axis_3_ortho[3]   ? 
_reflns.pdbx_aniso_diffraction_limit_1                 ? 
_reflns.pdbx_aniso_diffraction_limit_2                 ? 
_reflns.pdbx_aniso_diffraction_limit_3                 ? 
_reflns.pdbx_aniso_B_tensor_eigenvector_1_ortho[1]     ? 
_reflns.pdbx_aniso_B_tensor_eigenvector_1_ortho[2]     ? 
_reflns.pdbx_aniso_B_tensor_eigenvector_1_ortho[3]     ? 
_reflns.pdbx_aniso_B_tensor_eigenvector_2_ortho[1]     ? 
_reflns.pdbx_aniso_B_tensor_eigenvector_2_ortho[2]     ? 
_reflns.pdbx_aniso_B_tensor_eigenvector_2_ortho[3]     ? 
_reflns.pdbx_aniso_B_tensor_eigenvector_3_ortho[1]     ? 
_reflns.pdbx_aniso_B_tensor_eigenvector_3_ortho[2]     ? 
_reflns.pdbx_aniso_B_tensor_eigenvector_3_ortho[3]     ? 
_reflns.pdbx_aniso_B_tensor_eigenvalue_1               ? 
_reflns.pdbx_aniso_B_tensor_eigenvalue_2               ? 
_reflns.pdbx_aniso_B_tensor_eigenvalue_3               ? 
_reflns.pdbx_orthogonalization_convention              ? 
_reflns.pdbx_percent_possible_ellipsoidal              ? 
_reflns.pdbx_percent_possible_spherical                ? 
_reflns.pdbx_percent_possible_ellipsoidal_anomalous    ? 
_reflns.pdbx_percent_possible_spherical_anomalous      ? 
_reflns.pdbx_redundancy_anomalous                      ? 
_reflns.pdbx_CC_half_anomalous                         ? 
_reflns.pdbx_absDiff_over_sigma_anomalous              ? 
_reflns.pdbx_percent_possible_anomalous                ? 
_reflns.pdbx_observed_signal_threshold                 ? 
_reflns.pdbx_signal_type                               ? 
_reflns.pdbx_signal_details                            ? 
_reflns.pdbx_signal_software_id                        ? 
# 
loop_
_reflns_shell.d_res_high 
_reflns_shell.d_res_low 
_reflns_shell.meanI_over_sigI_all 
_reflns_shell.meanI_over_sigI_obs 
_reflns_shell.number_measured_all 
_reflns_shell.number_measured_obs 
_reflns_shell.number_possible 
_reflns_shell.number_unique_all 
_reflns_shell.number_unique_obs 
_reflns_shell.percent_possible_obs 
_reflns_shell.Rmerge_F_all 
_reflns_shell.Rmerge_F_obs 
_reflns_shell.meanI_over_sigI_gt 
_reflns_shell.meanI_over_uI_all 
_reflns_shell.meanI_over_uI_gt 
_reflns_shell.number_measured_gt 
_reflns_shell.number_unique_gt 
_reflns_shell.percent_possible_gt 
_reflns_shell.Rmerge_F_gt 
_reflns_shell.Rmerge_I_gt 
_reflns_shell.pdbx_redundancy 
_reflns_shell.pdbx_chi_squared 
_reflns_shell.pdbx_netI_over_sigmaI_all 
_reflns_shell.pdbx_netI_over_sigmaI_obs 
_reflns_shell.pdbx_Rrim_I_all 
_reflns_shell.pdbx_Rpim_I_all 
_reflns_shell.pdbx_rejects 
_reflns_shell.pdbx_ordinal 
_reflns_shell.pdbx_diffrn_id 
_reflns_shell.pdbx_CC_half 
_reflns_shell.pdbx_CC_star 
_reflns_shell.pdbx_R_split 
_reflns_shell.percent_possible_all 
_reflns_shell.Rmerge_I_all 
_reflns_shell.Rmerge_I_obs 
_reflns_shell.pdbx_Rsym_value 
_reflns_shell.pdbx_percent_possible_ellipsoidal 
_reflns_shell.pdbx_percent_possible_spherical 
_reflns_shell.pdbx_percent_possible_ellipsoidal_anomalous 
_reflns_shell.pdbx_percent_possible_spherical_anomalous 
_reflns_shell.pdbx_redundancy_anomalous 
_reflns_shell.pdbx_CC_half_anomalous 
_reflns_shell.pdbx_absDiff_over_sigma_anomalous 
_reflns_shell.pdbx_percent_possible_anomalous 
1.10 1.13   ? ? ? ? ? ? 94  ? ? ? ? ? ? ? ? ? ? ? ? ? ? ? 0.49  ? ? 1  1 0.843 ? ? ? ? 0.39  ? ? ? ? ? ? ? ? ? 
1.13 1.16   ? ? ? ? ? ? 159 ? ? ? ? ? ? ? ? ? ? ? ? ? ? ? 0.492 ? ? 2  1 0.92  ? ? ? ? 0.381 ? ? ? ? ? ? ? ? ? 
1.16 1.2    ? ? ? ? ? ? 152 ? ? ? ? ? ? ? ? ? ? ? ? ? ? ? 0.347 ? ? 3  1 0.93  ? ? ? ? 0.276 ? ? ? ? ? ? ? ? ? 
1.20 1.23   ? ? ? ? ? ? 156 ? ? ? ? ? ? ? ? ? ? ? ? ? ? ? 0.692 ? ? 4  1 0.886 ? ? ? ? 0.592 ? ? ? ? ? ? ? ? ? 
1.23 1.27   ? ? ? ? ? ? 137 ? ? ? ? ? ? ? ? ? ? ? ? ? ? ? 0.652 ? ? 5  1 0.894 ? ? ? ? 0.563 ? ? ? ? ? ? ? ? ? 
1.27 1.32   ? ? ? ? ? ? 156 ? ? ? ? ? ? ? ? ? ? ? ? ? ? ? 0.454 ? ? 6  1 0.948 ? ? ? ? 0.389 ? ? ? ? ? ? ? ? ? 
1.32 1.37   ? ? ? ? ? ? 127 ? ? ? ? ? ? ? ? ? ? ? ? ? ? ? 0.309 ? ? 7  1 0.951 ? ? ? ? 0.264 ? ? ? ? ? ? ? ? ? 
1.37 1.42   ? ? ? ? ? ? 155 ? ? ? ? ? ? ? ? ? ? ? ? ? ? ? 0.492 ? ? 8  1 0.918 ? ? ? ? 0.421 ? ? ? ? ? ? ? ? ? 
1.42 1.49   ? ? ? ? ? ? 140 ? ? ? ? ? ? ? ? ? ? ? ? ? ? ? 0.382 ? ? 9  1 0.913 ? ? ? ? 0.331 ? ? ? ? ? ? ? ? ? 
1.49 1.56   ? ? ? ? ? ? 117 ? ? ? ? ? ? ? ? ? ? ? ? ? ? ? 0.346 ? ? 10 1 0.945 ? ? ? ? 0.299 ? ? ? ? ? ? ? ? ? 
1.56 1.64   ? ? ? ? ? ? 117 ? ? ? ? ? ? ? ? ? ? ? ? ? ? ? 0.24  ? ? 11 1 0.973 ? ? ? ? 0.205 ? ? ? ? ? ? ? ? ? 
1.64 1.74   ? ? ? ? ? ? 120 ? ? ? ? ? ? ? ? ? ? ? ? ? ? ? 0.24  ? ? 12 1 0.96  ? ? ? ? 0.204 ? ? ? ? ? ? ? ? ? 
1.74 1.86   ? ? ? ? ? ? 118 ? ? ? ? ? ? ? ? ? ? ? ? ? ? ? 0.206 ? ? 13 1 0.94  ? ? ? ? 0.172 ? ? ? ? ? ? ? ? ? 
1.86 2.01   ? ? ? ? ? ? 96  ? ? ? ? ? ? ? ? ? ? ? ? ? ? ? 0.197 ? ? 14 1 0.983 ? ? ? ? 0.168 ? ? ? ? ? ? ? ? ? 
2.01 2.2    ? ? ? ? ? ? 90  ? ? ? ? ? ? ? ? ? ? ? ? ? ? ? 0.147 ? ? 15 1 0.98  ? ? ? ? 0.126 ? ? ? ? ? ? ? ? ? 
2.20 2.46   ? ? ? ? ? ? 96  ? ? ? ? ? ? ? ? ? ? ? ? ? ? ? 0.155 ? ? 16 1 0.987 ? ? ? ? 0.133 ? ? ? ? ? ? ? ? ? 
2.46 2.85   ? ? ? ? ? ? 69  ? ? ? ? ? ? ? ? ? ? ? ? ? ? ? 0.163 ? ? 17 1 0.954 ? ? ? ? 0.139 ? ? ? ? ? ? ? ? ? 
2.85 3.48   ? ? ? ? ? ? 67  ? ? ? ? ? ? ? ? ? ? ? ? ? ? ? 0.15  ? ? 18 1 0.981 ? ? ? ? 0.128 ? ? ? ? ? ? ? ? ? 
3.48 4.93   ? ? ? ? ? ? 49  ? ? ? ? ? ? ? ? ? ? ? ? ? ? ? 0.15  ? ? 19 1 0.979 ? ? ? ? 0.127 ? ? ? ? ? ? ? ? ? 
4.93 23.482 ? ? ? ? ? ? 28  ? ? ? ? ? ? ? ? ? ? ? ? ? ? ? 0.128 ? ? 20 1 0.999 ? ? ? ? 0.1   ? ? ? ? ? ? ? ? ? 
# 
_refine.aniso_B[1][1]                            -0.752 
_refine.aniso_B[1][2]                            0.498 
_refine.aniso_B[1][3]                            -0.029 
_refine.aniso_B[2][2]                            0.816 
_refine.aniso_B[2][3]                            0.428 
_refine.aniso_B[3][3]                            -0.259 
_refine.B_iso_max                                ? 
_refine.B_iso_mean                               7.325 
_refine.B_iso_min                                ? 
_refine.correlation_coeff_Fo_to_Fc               0.977 
_refine.correlation_coeff_Fo_to_Fc_free          0.968 
_refine.details                                  'Hydrogens have been added in their riding positions' 
_refine.diff_density_max                         ? 
_refine.diff_density_max_esd                     ? 
_refine.diff_density_min                         ? 
_refine.diff_density_min_esd                     ? 
_refine.diff_density_rms                         ? 
_refine.diff_density_rms_esd                     ? 
_refine.entry_id                                 9N31 
_refine.pdbx_refine_id                           'X-RAY DIFFRACTION' 
_refine.ls_abs_structure_details                 ? 
_refine.ls_abs_structure_Flack                   ? 
_refine.ls_abs_structure_Flack_esd               ? 
_refine.ls_abs_structure_Rogers                  ? 
_refine.ls_abs_structure_Rogers_esd              ? 
_refine.ls_d_res_high                            1.102 
_refine.ls_d_res_low                             23.482 
_refine.ls_extinction_coef                       ? 
_refine.ls_extinction_coef_esd                   ? 
_refine.ls_extinction_expression                 ? 
_refine.ls_extinction_method                     ? 
_refine.ls_goodness_of_fit_all                   ? 
_refine.ls_goodness_of_fit_all_esd               ? 
_refine.ls_goodness_of_fit_obs                   ? 
_refine.ls_goodness_of_fit_obs_esd               ? 
_refine.ls_hydrogen_treatment                    ? 
_refine.ls_matrix_type                           ? 
_refine.ls_number_constraints                    ? 
_refine.ls_number_parameters                     ? 
_refine.ls_number_reflns_all                     ? 
_refine.ls_number_reflns_obs                     2242 
_refine.ls_number_reflns_R_free                  225 
_refine.ls_number_reflns_R_work                  2017 
_refine.ls_number_restraints                     ? 
_refine.ls_percent_reflns_obs                    89.394 
_refine.ls_percent_reflns_R_free                 10.036 
_refine.ls_R_factor_all                          0.160 
_refine.ls_R_factor_obs                          ? 
_refine.ls_R_factor_R_free                       0.1844 
_refine.ls_R_factor_R_free_error                 ? 
_refine.ls_R_factor_R_free_error_details         ? 
_refine.ls_R_factor_R_work                       0.1571 
_refine.ls_R_Fsqd_factor_obs                     ? 
_refine.ls_R_I_factor_obs                        ? 
_refine.ls_redundancy_reflns_all                 ? 
_refine.ls_redundancy_reflns_obs                 ? 
_refine.ls_restrained_S_all                      ? 
_refine.ls_restrained_S_obs                      ? 
_refine.ls_shift_over_esd_max                    ? 
_refine.ls_shift_over_esd_mean                   ? 
_refine.ls_structure_factor_coef                 ? 
_refine.ls_weighting_details                     ? 
_refine.ls_weighting_scheme                      ? 
_refine.ls_wR_factor_all                         ? 
_refine.ls_wR_factor_obs                         ? 
_refine.ls_wR_factor_R_free                      ? 
_refine.ls_wR_factor_R_work                      ? 
_refine.occupancy_max                            ? 
_refine.occupancy_min                            ? 
_refine.solvent_model_details                    'MASK BULK SOLVENT' 
_refine.solvent_model_param_bsol                 ? 
_refine.solvent_model_param_ksol                 ? 
_refine.pdbx_R_complete                          ? 
_refine.ls_R_factor_gt                           ? 
_refine.ls_goodness_of_fit_gt                    ? 
_refine.ls_goodness_of_fit_ref                   ? 
_refine.ls_shift_over_su_max                     ? 
_refine.ls_shift_over_su_max_lt                  ? 
_refine.ls_shift_over_su_mean                    ? 
_refine.ls_shift_over_su_mean_lt                 ? 
_refine.pdbx_ls_sigma_I                          ? 
_refine.pdbx_ls_sigma_F                          ? 
_refine.pdbx_ls_sigma_Fsqd                       ? 
_refine.pdbx_data_cutoff_high_absF               ? 
_refine.pdbx_data_cutoff_high_rms_absF           ? 
_refine.pdbx_data_cutoff_low_absF                ? 
_refine.pdbx_isotropic_thermal_model             ? 
_refine.pdbx_ls_cross_valid_method               'FREE R-VALUE' 
_refine.pdbx_method_to_determine_struct          'AB INITIO PHASING' 
_refine.pdbx_starting_model                      ? 
_refine.pdbx_stereochemistry_target_values       ? 
_refine.pdbx_R_Free_selection_details            ? 
_refine.pdbx_stereochem_target_val_spec_case     ? 
_refine.pdbx_overall_ESU_R                       0.030 
_refine.pdbx_overall_ESU_R_Free                  0.032 
_refine.pdbx_solvent_vdw_probe_radii             1.200 
_refine.pdbx_solvent_ion_probe_radii             0.800 
_refine.pdbx_solvent_shrinkage_radii             0.800 
_refine.pdbx_real_space_R                        ? 
_refine.pdbx_density_correlation                 ? 
_refine.pdbx_pd_number_of_powder_patterns        ? 
_refine.pdbx_pd_number_of_points                 ? 
_refine.pdbx_pd_meas_number_of_points            ? 
_refine.pdbx_pd_proc_ls_prof_R_factor            ? 
_refine.pdbx_pd_proc_ls_prof_wR_factor           ? 
_refine.pdbx_pd_Marquardt_correlation_coeff      ? 
_refine.pdbx_pd_Fsqrd_R_factor                   ? 
_refine.pdbx_pd_ls_matrix_band_width             ? 
_refine.pdbx_overall_phase_error                 ? 
_refine.pdbx_overall_SU_R_free_Cruickshank_DPI   ? 
_refine.pdbx_overall_SU_R_free_Blow_DPI          ? 
_refine.pdbx_overall_SU_R_Blow_DPI               ? 
_refine.pdbx_TLS_residual_ADP_flag               ? 
_refine.pdbx_diffrn_id                           1 
_refine.overall_SU_B                             0.815 
_refine.overall_SU_ML                            0.017 
_refine.overall_SU_R_Cruickshank_DPI             ? 
_refine.overall_SU_R_free                        ? 
_refine.overall_FOM_free_R_set                   ? 
_refine.overall_FOM_work_R_set                   ? 
_refine.pdbx_average_fsc_overall                 ? 
_refine.pdbx_average_fsc_work                    ? 
_refine.pdbx_average_fsc_free                    ? 
# 
_refine_hist.pdbx_refine_id                   'X-RAY DIFFRACTION' 
_refine_hist.cycle_id                         LAST 
_refine_hist.pdbx_number_atoms_protein        39 
_refine_hist.pdbx_number_atoms_nucleic_acid   0 
_refine_hist.pdbx_number_atoms_ligand         0 
_refine_hist.number_atoms_solvent             4 
_refine_hist.number_atoms_total               43 
_refine_hist.d_res_high                       1.102 
_refine_hist.d_res_low                        23.482 
# 
loop_
_refine_ls_restr.pdbx_refine_id 
_refine_ls_restr.criterion 
_refine_ls_restr.dev_ideal 
_refine_ls_restr.dev_ideal_target 
_refine_ls_restr.number 
_refine_ls_restr.rejects 
_refine_ls_restr.type 
_refine_ls_restr.weight 
_refine_ls_restr.pdbx_restraint_function 
'X-RAY DIFFRACTION' ? 0.011  0.011  38 ? r_bond_refined_d               ? ? 
'X-RAY DIFFRACTION' ? 0.001  0.016  43 ? r_bond_other_d                 ? ? 
'X-RAY DIFFRACTION' ? 1.403  1.675  51 ? r_angle_refined_deg            ? ? 
'X-RAY DIFFRACTION' ? 0.442  1.716  96 ? r_angle_other_deg              ? ? 
'X-RAY DIFFRACTION' ? 6.537  5.000  5  ? r_dihedral_angle_1_deg         ? ? 
'X-RAY DIFFRACTION' ? 3.398  10.000 5  ? r_dihedral_angle_3_deg         ? ? 
'X-RAY DIFFRACTION' ? 11.241 10.000 1  ? r_dihedral_angle_6_deg         ? ? 
'X-RAY DIFFRACTION' ? 0.048  0.200  7  ? r_chiral_restr                 ? ? 
'X-RAY DIFFRACTION' ? 0.010  0.020  45 ? r_gen_planes_refined           ? ? 
'X-RAY DIFFRACTION' ? 0.001  0.020  7  ? r_gen_planes_other             ? ? 
'X-RAY DIFFRACTION' ? 0.151  0.200  6  ? r_nbd_refined                  ? ? 
'X-RAY DIFFRACTION' ? 0.173  0.200  27 ? r_symmetry_nbd_other           ? ? 
'X-RAY DIFFRACTION' ? 0.148  0.200  20 ? r_nbtor_refined                ? ? 
'X-RAY DIFFRACTION' ? 0.093  0.200  24 ? r_symmetry_nbtor_other         ? ? 
'X-RAY DIFFRACTION' ? 0.026  0.200  2  ? r_xyhbond_nbd_refined          ? ? 
'X-RAY DIFFRACTION' ? 0.069  0.200  3  ? r_symmetry_nbd_refined         ? ? 
'X-RAY DIFFRACTION' ? 0.192  0.200  20 ? r_nbd_other                    ? ? 
'X-RAY DIFFRACTION' ? 0.079  0.200  6  ? r_symmetry_xyhbond_nbd_refined ? ? 
'X-RAY DIFFRACTION' ? 2.880  0.667  23 ? r_mcbond_it                    ? ? 
'X-RAY DIFFRACTION' ? 2.879  0.664  23 ? r_mcbond_other                 ? ? 
'X-RAY DIFFRACTION' ? 3.972  1.192  27 ? r_mcangle_it                   ? ? 
'X-RAY DIFFRACTION' ? 3.911  1.199  28 ? r_mcangle_other                ? ? 
'X-RAY DIFFRACTION' ? 3.789  0.853  15 ? r_scbond_it                    ? ? 
'X-RAY DIFFRACTION' ? 3.687  0.872  16 ? r_scbond_other                 ? ? 
'X-RAY DIFFRACTION' ? 5.132  1.548  24 ? r_scangle_it                   ? ? 
'X-RAY DIFFRACTION' ? 5.031  1.554  25 ? r_scangle_other                ? ? 
'X-RAY DIFFRACTION' ? 5.728  9.261  41 ? r_lrange_it                    ? ? 
'X-RAY DIFFRACTION' ? 5.762  7.751  40 ? r_lrange_other                 ? ? 
'X-RAY DIFFRACTION' ? 3.211  3.000  81 ? r_rigid_bond_restr             ? ? 
# 
loop_
_refine_ls_shell.pdbx_refine_id 
_refine_ls_shell.d_res_high 
_refine_ls_shell.d_res_low 
_refine_ls_shell.number_reflns_all 
_refine_ls_shell.number_reflns_obs 
_refine_ls_shell.number_reflns_R_free 
_refine_ls_shell.number_reflns_R_work 
_refine_ls_shell.percent_reflns_obs 
_refine_ls_shell.percent_reflns_R_free 
_refine_ls_shell.R_factor_all 
_refine_ls_shell.R_factor_obs 
_refine_ls_shell.R_factor_R_free_error 
_refine_ls_shell.R_factor_R_work 
_refine_ls_shell.redundancy_reflns_all 
_refine_ls_shell.redundancy_reflns_obs 
_refine_ls_shell.wR_factor_all 
_refine_ls_shell.wR_factor_obs 
_refine_ls_shell.wR_factor_R_free 
_refine_ls_shell.wR_factor_R_work 
_refine_ls_shell.pdbx_R_complete 
_refine_ls_shell.pdbx_total_number_of_bins_used 
_refine_ls_shell.pdbx_phase_error 
_refine_ls_shell.pdbx_fsc_work 
_refine_ls_shell.pdbx_fsc_free 
_refine_ls_shell.R_factor_R_free 
'X-RAY DIFFRACTION' 1.102 1.232  719 . 56 502 77.6078 . 0.250 . . 0.246 . . . . . 0.222 . 5 . 0.935 0.936 0.280 
'X-RAY DIFFRACTION' 1.232 1.422  624 . 58 516 91.9872 . 0.165 . . 0.162 . . . . . 0.144 . 5 . 0.974 0.972 0.193 
'X-RAY DIFFRACTION' 1.422 1.739  528 . 49 444 93.3712 . 0.139 . . 0.139 . . . . . 0.125 . 5 . 0.981 0.986 0.144 
'X-RAY DIFFRACTION' 1.739 2.453  418 . 40 362 96.1722 . 0.134 . . 0.130 . . . . . 0.134 . 5 . 0.985 0.965 0.173 
'X-RAY DIFFRACTION' 2.453 23.482 219 . 22 193 98.1735 . 0.156 . . 0.154 . . . . . 0.188 . 5 . 0.983 0.983 0.170 
# 
_struct.entry_id                     9N31 
_struct.title                        'Racemic mixture of peptide QVGGVV forms rippled sheets' 
_struct.pdbx_model_details           ? 
_struct.pdbx_formula_weight          ? 
_struct.pdbx_formula_weight_method   ? 
_struct.pdbx_model_type_details      ? 
_struct.pdbx_CASP_flag               N 
# 
_struct_keywords.entry_id        9N31 
_struct_keywords.text            'rippled sheet, racemic mixture, PROTEIN FIBRIL' 
_struct_keywords.pdbx_keywords   'PROTEIN FIBRIL' 
# 
loop_
_struct_asym.id 
_struct_asym.pdbx_blank_PDB_chainid_flag 
_struct_asym.pdbx_modified 
_struct_asym.entity_id 
_struct_asym.details 
A N N 1 ? 
B N N 2 ? 
# 
_struct_ref.id                         1 
_struct_ref.db_name                    PDB 
_struct_ref.db_code                    9N31 
_struct_ref.pdbx_db_accession          9N31 
_struct_ref.pdbx_db_isoform            ? 
_struct_ref.entity_id                  1 
_struct_ref.pdbx_seq_one_letter_code   ? 
_struct_ref.pdbx_align_begin           1 
# 
_struct_ref_seq.align_id                      1 
_struct_ref_seq.ref_id                        1 
_struct_ref_seq.pdbx_PDB_id_code              9N31 
_struct_ref_seq.pdbx_strand_id                A 
_struct_ref_seq.seq_align_beg                 1 
_struct_ref_seq.pdbx_seq_align_beg_ins_code   ? 
_struct_ref_seq.seq_align_end                 6 
_struct_ref_seq.pdbx_seq_align_end_ins_code   ? 
_struct_ref_seq.pdbx_db_accession             9N31 
_struct_ref_seq.db_align_beg                  1 
_struct_ref_seq.pdbx_db_align_beg_ins_code    ? 
_struct_ref_seq.db_align_end                  6 
_struct_ref_seq.pdbx_db_align_end_ins_code    ? 
_struct_ref_seq.pdbx_auth_seq_align_beg       1 
_struct_ref_seq.pdbx_auth_seq_align_end       6 
# 
_pdbx_struct_assembly.id                   1 
_pdbx_struct_assembly.details              author_defined_assembly 
_pdbx_struct_assembly.method_details       ? 
_pdbx_struct_assembly.oligomeric_details   hexameric 
_pdbx_struct_assembly.oligomeric_count     6 
# 
_pdbx_struct_assembly_gen.assembly_id       1 
_pdbx_struct_assembly_gen.oper_expression   1,2,3,4,5,6 
_pdbx_struct_assembly_gen.asym_id_list      A,B 
# 
_pdbx_struct_assembly_auth_evidence.id                     1 
_pdbx_struct_assembly_auth_evidence.assembly_id            1 
_pdbx_struct_assembly_auth_evidence.experimental_support   none 
_pdbx_struct_assembly_auth_evidence.details                ? 
# 
loop_
_pdbx_struct_oper_list.id 
_pdbx_struct_oper_list.type 
_pdbx_struct_oper_list.name 
_pdbx_struct_oper_list.symmetry_operation 
_pdbx_struct_oper_list.matrix[1][1] 
_pdbx_struct_oper_list.matrix[1][2] 
_pdbx_struct_oper_list.matrix[1][3] 
_pdbx_struct_oper_list.vector[1] 
_pdbx_struct_oper_list.matrix[2][1] 
_pdbx_struct_oper_list.matrix[2][2] 
_pdbx_struct_oper_list.matrix[2][3] 
_pdbx_struct_oper_list.vector[2] 
_pdbx_struct_oper_list.matrix[3][1] 
_pdbx_struct_oper_list.matrix[3][2] 
_pdbx_struct_oper_list.matrix[3][3] 
_pdbx_struct_oper_list.vector[3] 
1 'identity operation'         1_555 x,y,z          1.0000000000  0.0000000000 0.0000000000 0.0000000000  0.0000000000 1.0000000000  0.0000000000 0.0000000000  0.0000000000 0.0000000000 1.0000000000  0.0000000000  
2 'crystal symmetry operation' 1_554 x,y,z-1        1.0000000000  0.0000000000 0.0000000000 3.9484409372  0.0000000000 1.0000000000  0.0000000000 0.2305357381  0.0000000000 0.0000000000 1.0000000000  8.3507046073  
3 'crystal symmetry operation' 1_556 x,y,z+1        1.0000000000  0.0000000000 0.0000000000 -3.9484409372 0.0000000000 1.0000000000  0.0000000000 -0.2305357381 0.0000000000 0.0000000000 1.0000000000  -8.3507046073 
4 'crystal symmetry operation' 2_665 -x+1,-y+1,-z   -1.0000000000 0.0000000000 0.0000000000 0.9238972475  0.0000000000 -1.0000000000 0.0000000000 -0.1718113750 0.0000000000 0.0000000000 -1.0000000000 4.5726973432  
5 'crystal symmetry operation' 2_664 -x+1,-y+1,-z-1 -1.0000000000 0.0000000000 0.0000000000 4.8723381847  0.0000000000 -1.0000000000 0.0000000000 0.0587243630  0.0000000000 0.0000000000 -1.0000000000 12.9234019505 
6 'crystal symmetry operation' 2_666 -x+1,-y+1,-z+1 -1.0000000000 0.0000000000 0.0000000000 -3.0245436896 0.0000000000 -1.0000000000 0.0000000000 -0.4023471131 0.0000000000 0.0000000000 -1.0000000000 -3.7780072641  
# 
_pdbx_entry_details.entry_id                   9N31 
_pdbx_entry_details.compound_details           ? 
_pdbx_entry_details.source_details             ? 
_pdbx_entry_details.nonpolymer_details         ? 
_pdbx_entry_details.sequence_details           ? 
_pdbx_entry_details.has_ligand_of_interest     ? 
_pdbx_entry_details.has_protein_modification   N 
# 
loop_
_chem_comp_atom.comp_id 
_chem_comp_atom.atom_id 
_chem_comp_atom.type_symbol 
_chem_comp_atom.pdbx_aromatic_flag 
_chem_comp_atom.pdbx_stereo_config 
_chem_comp_atom.pdbx_ordinal 
GLN N    N N N 1  
GLN CA   C N S 2  
GLN C    C N N 3  
GLN O    O N N 4  
GLN CB   C N N 5  
GLN CG   C N N 6  
GLN CD   C N N 7  
GLN OE1  O N N 8  
GLN NE2  N N N 9  
GLN OXT  O N N 10 
GLN H    H N N 11 
GLN H2   H N N 12 
GLN HA   H N N 13 
GLN HB2  H N N 14 
GLN HB3  H N N 15 
GLN HG2  H N N 16 
GLN HG3  H N N 17 
GLN HE21 H N N 18 
GLN HE22 H N N 19 
GLN HXT  H N N 20 
GLY N    N N N 21 
GLY CA   C N N 22 
GLY C    C N N 23 
GLY O    O N N 24 
GLY OXT  O N N 25 
GLY H    H N N 26 
GLY H2   H N N 27 
GLY HA2  H N N 28 
GLY HA3  H N N 29 
GLY HXT  H N N 30 
HOH O    O N N 31 
HOH H1   H N N 32 
HOH H2   H N N 33 
VAL N    N N N 34 
VAL CA   C N S 35 
VAL C    C N N 36 
VAL O    O N N 37 
VAL CB   C N N 38 
VAL CG1  C N N 39 
VAL CG2  C N N 40 
VAL OXT  O N N 41 
VAL H    H N N 42 
VAL H2   H N N 43 
VAL HA   H N N 44 
VAL HB   H N N 45 
VAL HG11 H N N 46 
VAL HG12 H N N 47 
VAL HG13 H N N 48 
VAL HG21 H N N 49 
VAL HG22 H N N 50 
VAL HG23 H N N 51 
VAL HXT  H N N 52 
# 
loop_
_chem_comp_bond.comp_id 
_chem_comp_bond.atom_id_1 
_chem_comp_bond.atom_id_2 
_chem_comp_bond.value_order 
_chem_comp_bond.pdbx_aromatic_flag 
_chem_comp_bond.pdbx_stereo_config 
_chem_comp_bond.pdbx_ordinal 
GLN N   CA   sing N N 1  
GLN N   H    sing N N 2  
GLN N   H2   sing N N 3  
GLN CA  C    sing N N 4  
GLN CA  CB   sing N N 5  
GLN CA  HA   sing N N 6  
GLN C   O    doub N N 7  
GLN C   OXT  sing N N 8  
GLN CB  CG   sing N N 9  
GLN CB  HB2  sing N N 10 
GLN CB  HB3  sing N N 11 
GLN CG  CD   sing N N 12 
GLN CG  HG2  sing N N 13 
GLN CG  HG3  sing N N 14 
GLN CD  OE1  doub N N 15 
GLN CD  NE2  sing N N 16 
GLN NE2 HE21 sing N N 17 
GLN NE2 HE22 sing N N 18 
GLN OXT HXT  sing N N 19 
GLY N   CA   sing N N 20 
GLY N   H    sing N N 21 
GLY N   H2   sing N N 22 
GLY CA  C    sing N N 23 
GLY CA  HA2  sing N N 24 
GLY CA  HA3  sing N N 25 
GLY C   O    doub N N 26 
GLY C   OXT  sing N N 27 
GLY OXT HXT  sing N N 28 
HOH O   H1   sing N N 29 
HOH O   H2   sing N N 30 
VAL N   CA   sing N N 31 
VAL N   H    sing N N 32 
VAL N   H2   sing N N 33 
VAL CA  C    sing N N 34 
VAL CA  CB   sing N N 35 
VAL CA  HA   sing N N 36 
VAL C   O    doub N N 37 
VAL C   OXT  sing N N 38 
VAL CB  CG1  sing N N 39 
VAL CB  CG2  sing N N 40 
VAL CB  HB   sing N N 41 
VAL CG1 HG11 sing N N 42 
VAL CG1 HG12 sing N N 43 
VAL CG1 HG13 sing N N 44 
VAL CG2 HG21 sing N N 45 
VAL CG2 HG22 sing N N 46 
VAL CG2 HG23 sing N N 47 
VAL OXT HXT  sing N N 48 
# 
loop_
_pdbx_audit_support.funding_organization 
_pdbx_audit_support.country 
_pdbx_audit_support.grant_number 
_pdbx_audit_support.ordinal 
'National Institutes of Health/National Institute on Aging (NIH/NIA)' 'United States' R01AG070895 1 
'National Institutes of Health/National Institute on Aging (NIH/NIA)' 'United States' R01AG048120 2 
'National Institutes of Health/National Institute on Aging (NIH/NIA)' 'United States' R01AG074954 3 
# 
_atom_sites.entry_id                    9N31 
_atom_sites.Cartn_transf_matrix[1][1]   ? 
_atom_sites.Cartn_transf_matrix[1][2]   ? 
_atom_sites.Cartn_transf_matrix[1][3]   ? 
_atom_sites.Cartn_transf_matrix[2][1]   ? 
_atom_sites.Cartn_transf_matrix[2][2]   ? 
_atom_sites.Cartn_transf_matrix[2][3]   ? 
_atom_sites.Cartn_transf_matrix[3][1]   ? 
_atom_sites.Cartn_transf_matrix[3][2]   ? 
_atom_sites.Cartn_transf_matrix[3][3]   ? 
_atom_sites.Cartn_transf_vector[1]      ? 
_atom_sites.Cartn_transf_vector[2]      ? 
_atom_sites.Cartn_transf_vector[3]      ? 
_atom_sites.Cartn_transform_axes        ? 
_atom_sites.fract_transf_matrix[1][1]   0.01947446 
_atom_sites.fract_transf_matrix[1][2]   0.03646928 
_atom_sites.fract_transf_matrix[1][3]   -0.01021507 
_atom_sites.fract_transf_matrix[2][1]   0.11483711 
_atom_sites.fract_transf_matrix[2][2]   -0.05352716 
_atom_sites.fract_transf_matrix[2][3]   -0.05282091 
_atom_sites.fract_transf_matrix[3][1]   -0.04380225 
_atom_sites.fract_transf_matrix[3][2]   -0.00257648 
_atom_sites.fract_transf_matrix[3][3]   -0.09896836 
_atom_sites.fract_transf_vector[1]      0.517499 
_atom_sites.fract_transf_vector[2]      0.563120 
_atom_sites.fract_transf_vector[3]      0.246289 
_atom_sites.solution_primary            ? 
_atom_sites.solution_secondary          ? 
_atom_sites.solution_hydrogens          ? 
_atom_sites.special_details             ? 
# 
loop_
_atom_type.symbol 
_atom_type.pdbx_scat_Z 
_atom_type.pdbx_N_electrons 
_atom_type.scat_Cromer_Mann_a1 
_atom_type.scat_Cromer_Mann_b1 
_atom_type.scat_Cromer_Mann_a2 
_atom_type.scat_Cromer_Mann_b2 
_atom_type.scat_Cromer_Mann_a3 
_atom_type.scat_Cromer_Mann_b3 
_atom_type.scat_Cromer_Mann_a4 
_atom_type.scat_Cromer_Mann_b4 
C 6 6 2.3103  20.8439 1.0201 10.2075 1.5888 0.5687  0.8651 51.6512 
H 1 1 0.4930  10.5109 0.3229 26.1257 0.1402 3.1424  0.0408 57.7997 
N 7 7 12.2220 0.0057  3.1346 9.8933  2.0141 28.9975 1.1672 0.5826  
O 8 8 3.0487  13.2771 2.2870 5.7011  1.5464 0.3239  0.8671 32.9089 
# 
loop_
_atom_site.group_PDB 
_atom_site.id 
_atom_site.type_symbol 
_atom_site.label_atom_id 
_atom_site.label_alt_id 
_atom_site.label_comp_id 
_atom_site.label_asym_id 
_atom_site.label_entity_id 
_atom_site.label_seq_id 
_atom_site.pdbx_PDB_ins_code 
_atom_site.Cartn_x 
_atom_site.Cartn_y 
_atom_site.Cartn_z 
_atom_site.occupancy 
_atom_site.B_iso_or_equiv 
_atom_site.pdbx_formal_charge 
_atom_site.auth_seq_id 
_atom_site.auth_comp_id 
_atom_site.auth_asym_id 
_atom_site.auth_atom_id 
_atom_site.pdbx_PDB_model_num 
_atom_site.calc_flag 
ATOM   1  N N    . GLN A 1 1 ? -4.830 -7.993  1.187  1.000 7.563  0 1   GLN A N    1 ? 
ATOM   2  C CA   . GLN A 1 1 ? -3.499 -7.348  1.288  1.000 6.643  0 1   GLN A CA   1 ? 
ATOM   3  C C    . GLN A 1 1 ? -3.573 -6.075  0.482  1.000 6.726  0 1   GLN A C    1 ? 
ATOM   4  O O    . GLN A 1 1 ? -4.123 -6.068  -0.603 1.000 8.768  0 1   GLN A O    1 ? 
ATOM   5  C CB   . GLN A 1 1 ? -2.446 -8.311  0.773  1.000 7.192  0 1   GLN A CB   1 ? 
ATOM   6  C CG   . GLN A 1 1 ? -2.395 -9.600  1.570  1.000 8.406  0 1   GLN A CG   1 ? 
ATOM   7  C CD   . GLN A 1 1 ? -1.397 -10.578 1.046  1.000 8.890  0 1   GLN A CD   1 ? 
ATOM   8  O OE1  . GLN A 1 1 ? -0.524 -10.228 0.263  1.000 9.489  0 1   GLN A OE1  1 ? 
ATOM   9  N NE2  . GLN A 1 1 ? -1.443 -11.800 1.530  1.000 10.556 0 1   GLN A NE2  1 ? 
ATOM   10 H H1   . GLN A 1 1 ? -4.905 -8.443  0.408  1.000 7.479  0 1   GLN A H1   1 c 
ATOM   11 H H2   . GLN A 1 1 ? -5.478 -7.368  1.226  1.000 7.337  0 1   GLN A H2   1 c 
ATOM   12 H H3   . GLN A 1 1 ? -4.950 -8.567  1.873  1.000 7.340  0 1   GLN A H3   1 c 
ATOM   13 H HA   . GLN A 1 1 ? -3.325 -7.136  2.235  1.000 6.752  0 1   GLN A HA   1 c 
ATOM   14 H HB2  . GLN A 1 1 ? -2.635 -8.520  -0.166 1.000 7.247  0 1   GLN A HB2  1 c 
ATOM   15 H HB3  . GLN A 1 1 ? -1.571 -7.874  0.814  1.000 7.206  0 1   GLN A HB3  1 c 
ATOM   16 H HG2  . GLN A 1 1 ? -2.175 -9.393  2.504  1.000 8.284  0 1   GLN A HG2  1 c 
ATOM   17 H HG3  . GLN A 1 1 ? -3.279 -10.024 1.559  1.000 8.268  0 1   GLN A HG3  1 c 
ATOM   18 H HE21 . GLN A 1 1 ? -1.560 -11.927 2.400  1.000 10.047 0 1   GLN A HE21 1 c 
ATOM   19 H HE22 . GLN A 1 1 ? -1.357 -12.494 0.985  1.000 10.054 0 1   GLN A HE22 1 c 
ATOM   20 N N    . VAL A 1 2 ? -2.962 -5.010  1.009  1.000 5.875  0 2   VAL A N    1 ? 
ATOM   21 C CA   . VAL A 1 2 ? -3.074 -3.664  0.450  1.000 6.227  0 2   VAL A CA   1 ? 
ATOM   22 C C    . VAL A 1 2 ? -1.679 -3.087  0.246  1.000 5.621  0 2   VAL A C    1 ? 
ATOM   23 O O    . VAL A 1 2 ? -0.822 -3.166  1.122  1.000 5.759  0 2   VAL A O    1 ? 
ATOM   24 C CB   . VAL A 1 2 ? -3.925 -2.766  1.350  1.000 6.698  0 2   VAL A CB   1 ? 
ATOM   25 C CG1  . VAL A 1 2 ? -4.074 -1.386  0.741  1.000 7.045  0 2   VAL A CG1  1 ? 
ATOM   26 C CG2  . VAL A 1 2 ? -5.298 -3.346  1.604  1.000 7.538  0 2   VAL A CG2  1 ? 
ATOM   27 H H    . VAL A 1 2 ? -2.445 -5.125  1.755  1.000 5.958  0 2   VAL A H    1 c 
ATOM   28 H HA   . VAL A 1 2 ? -3.511 -3.731  -0.415 1.000 6.131  0 2   VAL A HA   1 c 
ATOM   29 H HB   . VAL A 1 2 ? -3.456 -2.679  2.213  1.000 6.769  0 2   VAL A HB   1 c 
ATOM   30 H HG11 . VAL A 1 2 ? -4.274 -1.467  -0.204 1.000 7.014  0 2   VAL A HG11 1 c 
ATOM   31 H HG12 . VAL A 1 2 ? -3.248 -0.890  0.855  1.000 6.991  0 2   VAL A HG12 1 c 
ATOM   32 H HG13 . VAL A 1 2 ? -4.797 -0.910  1.184  1.000 6.906  0 2   VAL A HG13 1 c 
ATOM   33 H HG21 . VAL A 1 2 ? -5.845 -2.695  2.076  1.000 7.353  0 2   VAL A HG21 1 c 
ATOM   34 H HG22 . VAL A 1 2 ? -5.217 -4.149  2.144  1.000 7.276  0 2   VAL A HG22 1 c 
ATOM   35 H HG23 . VAL A 1 2 ? -5.720 -3.567  0.757  1.000 7.425  0 2   VAL A HG23 1 c 
ATOM   36 N N    . GLY A 1 3 ? -1.498 -2.469  -0.918 1.000 5.821  0 3   GLY A N    1 ? 
ATOM   37 C CA   . GLY A 1 3 ? -0.258 -1.754  -1.166 1.000 5.804  0 3   GLY A CA   1 ? 
ATOM   38 C C    . GLY A 1 3 ? -0.106 -0.533  -0.265 1.000 5.538  0 3   GLY A C    1 ? 
ATOM   39 O O    . GLY A 1 3 ? -1.068 0.119   0.096  1.000 6.121  0 3   GLY A O    1 ? 
ATOM   40 H H    . GLY A 1 3 ? -2.144 -2.488  -1.564 1.000 5.780  0 3   GLY A H    1 c 
ATOM   41 H HA2  . GLY A 1 3 ? 0.500  -2.368  -1.018 1.000 5.735  0 3   GLY A HA2  1 c 
ATOM   42 H HA3  . GLY A 1 3 ? -0.235 -1.470  -2.109 1.000 5.716  0 3   GLY A HA3  1 c 
ATOM   43 N N    . GLY A 1 4 ? 1.164  -0.231  0.046  1.000 5.609  0 4   GLY A N    1 ? 
ATOM   44 C CA   . GLY A 1 4 ? 1.476  0.983   0.772  1.000 5.953  0 4   GLY A CA   1 ? 
ATOM   45 C C    . GLY A 1 4 ? 1.256  2.202   -0.101 1.000 5.011  0 4   GLY A C    1 ? 
ATOM   46 O O    . GLY A 1 4 ? 0.918  2.101   -1.287 1.000 5.965  0 4   GLY A O    1 ? 
ATOM   47 H H    . GLY A 1 4 ? 1.844  -0.791  -0.198 1.000 5.434  0 4   GLY A H    1 c 
ATOM   48 H HA2  . GLY A 1 4 ? 0.905  1.040   1.573  1.000 5.806  0 4   GLY A HA2  1 c 
ATOM   49 H HA3  . GLY A 1 4 ? 2.417  0.952   1.067  1.000 5.846  0 4   GLY A HA3  1 c 
ATOM   50 N N    . VAL A 1 5 ? 1.424  3.385   0.511  1.000 6.255  0 5   VAL A N    1 ? 
ATOM   51 C CA   . VAL A 1 5 ? 1.319  4.643   -0.218 1.000 6.866  0 5   VAL A CA   1 ? 
ATOM   52 C C    . VAL A 1 5 ? 2.647  5.401   -0.105 1.000 7.768  0 5   VAL A C    1 ? 
ATOM   53 O O    . VAL A 1 5 ? 3.397  5.284   0.866  1.000 9.909  0 5   VAL A O    1 ? 
ATOM   54 C CB   . VAL A 1 5 ? 0.164  5.515   0.286  1.000 8.269  0 5   VAL A CB   1 ? 
ATOM   55 C CG1  . VAL A 1 5 ? -1.157 4.818   0.002  1.000 8.623  0 5   VAL A CG1  1 ? 
ATOM   56 C CG2  . VAL A 1 5 ? 0.362  5.902   1.752  1.000 9.587  0 5   VAL A CG2  1 ? 
ATOM   57 H H    . VAL A 1 5 ? 1.620  3.405   1.404  1.000 5.950  0 5   VAL A H    1 c 
ATOM   58 H HA   . VAL A 1 5 ? 1.162  4.437   -1.154 1.000 7.053  0 5   VAL A HA   1 c 
ATOM   59 H HB   . VAL A 1 5 ? 0.179  6.346   -0.244 1.000 8.096  0 5   VAL A HB   1 c 
ATOM   60 H HG11 . VAL A 1 5 ? -1.229 4.021   0.552  1.000 8.579  0 5   VAL A HG11 1 c 
ATOM   61 H HG12 . VAL A 1 5 ? -1.198 4.568   -0.938 1.000 8.686  0 5   VAL A HG12 1 c 
ATOM   62 H HG13 . VAL A 1 5 ? -1.892 5.420   0.207  1.000 8.457  0 5   VAL A HG13 1 c 
ATOM   63 H HG21 . VAL A 1 5 ? -0.442 6.337   2.084  1.000 9.259  0 5   VAL A HG21 1 c 
ATOM   64 H HG22 . VAL A 1 5 ? 1.113  6.514   1.831  1.000 9.326  0 5   VAL A HG22 1 c 
ATOM   65 H HG23 . VAL A 1 5 ? 0.537  5.106   2.281  1.000 9.294  0 5   VAL A HG23 1 c 
ATOM   66 N N    . VAL A 1 6 ? 2.893  6.217   -1.123 1.000 7.815  0 6   VAL A N    1 ? 
ATOM   67 C CA   . VAL A 1 6 ? 4.035  7.141   -1.126 1.000 8.744  0 6   VAL A CA   1 ? 
ATOM   68 C C    . VAL A 1 6 ? 3.536  8.533   -1.558 1.000 9.224  0 6   VAL A C    1 ? 
ATOM   69 O O    . VAL A 1 6 ? 2.582  8.613   -2.383 1.000 9.606  0 6   VAL A O    1 ? 
ATOM   70 C CB   . VAL A 1 6 ? 5.256  6.716   -1.973 1.000 9.854  0 6   VAL A CB   1 ? 
ATOM   71 C CG1  . VAL A 1 6 ? 5.762  5.382   -1.502 1.000 12.405 0 6   VAL A CG1  1 ? 
ATOM   72 C CG2  . VAL A 1 6 ? 4.956  6.678   -3.444 1.000 11.856 0 6   VAL A CG2  1 ? 
ATOM   73 O OXT  . VAL A 1 6 ? 4.248  9.520   -1.171 1.000 9.224  0 6   VAL A OXT  1 ? 
ATOM   74 H H    . VAL A 1 6 ? 2.337  6.207   -1.849 1.000 7.730  0 6   VAL A H    1 c 
ATOM   75 H HA   . VAL A 1 6 ? 4.342  7.222   -0.203 1.000 8.759  0 6   VAL A HA   1 c 
ATOM   76 H HB   . VAL A 1 6 ? 5.965  7.383   -1.819 1.000 10.338 0 6   VAL A HB   1 c 
ATOM   77 H HG11 . VAL A 1 6 ? 5.109  4.694   -1.715 1.000 11.626 0 6   VAL A HG11 1 c 
ATOM   78 H HG12 . VAL A 1 6 ? 5.902  5.408   -0.541 1.000 12.030 0 6   VAL A HG12 1 c 
ATOM   79 H HG13 . VAL A 1 6 ? 6.602  5.179   -1.947 1.000 11.765 0 6   VAL A HG13 1 c 
ATOM   80 H HG21 . VAL A 1 6 ? 5.679  6.225   -3.911 1.000 11.563 0 6   VAL A HG21 1 c 
ATOM   81 H HG22 . VAL A 1 6 ? 4.873  7.585   -3.784 1.000 11.543 0 6   VAL A HG22 1 c 
ATOM   82 H HG23 . VAL A 1 6 ? 4.126  6.198   -3.593 1.000 11.339 0 6   VAL A HG23 1 c 
HETATM 83 O O    . HOH B 2 . ? 1.994  -3.419  1.144  1.000 8.949  0 101 HOH A O    1 ? 
HETATM 84 O O    . HOH B 2 . ? -6.002 -10.674 0.859  0.500 13.957 0 102 HOH A O    1 ? 
HETATM 85 O O    . HOH B 2 . ? 3.364  -2.026  -0.741 1.000 7.632  0 103 HOH A O    1 ? 
HETATM 86 O O    . HOH B 2 . ? -4.985 -9.795  3.607  1.000 9.668  0 104 HOH A O    1 ? 
# 
loop_
_atom_site_anisotrop.id 
_atom_site_anisotrop.type_symbol 
_atom_site_anisotrop.pdbx_label_atom_id 
_atom_site_anisotrop.pdbx_label_alt_id 
_atom_site_anisotrop.pdbx_label_comp_id 
_atom_site_anisotrop.pdbx_label_asym_id 
_atom_site_anisotrop.pdbx_label_seq_id 
_atom_site_anisotrop.pdbx_PDB_ins_code 
_atom_site_anisotrop.U[1][1] 
_atom_site_anisotrop.U[2][2] 
_atom_site_anisotrop.U[3][3] 
_atom_site_anisotrop.U[1][2] 
_atom_site_anisotrop.U[1][3] 
_atom_site_anisotrop.U[2][3] 
_atom_site_anisotrop.pdbx_auth_seq_id 
_atom_site_anisotrop.pdbx_auth_comp_id 
_atom_site_anisotrop.pdbx_auth_asym_id 
_atom_site_anisotrop.pdbx_auth_atom_id 
1  N N    . GLN A 1 ? 0.07495884 0.10364128 0.10874844 -0.00596225 0.02915204  0.01166146  1   GLN A N    
2  C CA   . GLN A 1 ? 0.06819554 0.10532183 0.07888798 -0.00276622 0.01769545  0.00225784  1   GLN A CA   
3  C C    . GLN A 1 ? 0.09272593 0.09470030 0.06812700 -0.01323259 0.01547032  -0.00495108 1   GLN A C    
4  O O    . GLN A 1 ? 0.14921489 0.10169088 0.08222477 -0.02365238 -0.01931759 -0.00175582 1   GLN A O    
5  C CB   . GLN A 1 ? 0.07286734 0.10368961 0.09670420 -0.00588325 0.03359773  0.00089007  1   GLN A CB   
6  C CG   . GLN A 1 ? 0.07878764 0.11636419 0.12425491 0.00710816  0.04322068  0.00744630  1   GLN A CG   
7  C CD   . GLN A 1 ? 0.08638930 0.10844716 0.14296107 0.00691194  0.04645153  0.01088650  1   GLN A CD   
8  O OE1  . GLN A 1 ? 0.10702646 0.11788628 0.13561521 -0.00273613 0.06618715  -0.01282864 1   GLN A OE1  
9  N NE2  . GLN A 1 ? 0.13450340 0.11007181 0.15650003 0.01410601  0.06470739  0.01674675  1   GLN A NE2  
10 H H1   . GLN A 1 ? 0.07282834 0.10662812 0.10470589 -0.00461380 0.02583079  0.01187521  1   GLN A H1   
11 H H2   . GLN A 1 ? 0.07350414 0.10550027 0.09975649 -0.00548425 0.02522202  0.00909917  1   GLN A H2   
12 H H3   . GLN A 1 ? 0.07287877 0.10543399 0.10058298 -0.00472841 0.02535090  0.00870493  1   GLN A H3   
13 H HA   . GLN A 1 ? 0.07450656 0.10245492 0.07958698 -0.00605727 0.02082072  0.00108393  1   GLN A HA   
14 H HB2  . GLN A 1 ? 0.07235466 0.10627527 0.09673431 -0.00288330 0.03113366  0.00250595  1   GLN A HB2  
15 H HB3  . GLN A 1 ? 0.07074044 0.10587855 0.09717727 -0.00371565 0.03125577  0.00245024  1   GLN A HB3  
16 H HG2  . GLN A 1 ? 0.07940224 0.11142834 0.12391670 0.00403776  0.04191182  0.00734095  1   GLN A HG2  
17 H HG3  . GLN A 1 ? 0.08149195 0.11171942 0.12093650 0.00483222  0.04108551  0.00676088  1   GLN A HG3  
18 H HE21 . GLN A 1 ? 0.11778519 0.10986964 0.15408677 0.01164379  0.05802364  0.01467449  1   GLN A HE21 
19 H HE22 . GLN A 1 ? 0.11777784 0.11107073 0.15314574 0.01145424  0.05813656  0.01589173  1   GLN A HE22 
20 N N    . VAL A 2 ? 0.06452227 0.09963994 0.05907977 -0.00543020 0.00804249  -0.00650904 2   VAL A N    
21 C CA   . VAL A 2 ? 0.05857297 0.10755773 0.07044795 0.00428996  0.01783337  -0.00052952 2   VAL A CA   
22 C C    . VAL A 2 ? 0.06599977 0.08517384 0.06240365 -0.00098590 0.01430106  -0.00305969 2   VAL A C    
23 O O    . VAL A 2 ? 0.05926217 0.09708959 0.06248148 -0.00061804 0.01476335  -0.00787115 2   VAL A O    
24 C CB   . VAL A 2 ? 0.06550255 0.10187443 0.08711167 -0.00190041 0.03425603  -0.00320207 2   VAL A CB   
25 C CG1  . VAL A 2 ? 0.07527694 0.09571085 0.09669647 0.00071295  0.04491978  -0.01244071 2   VAL A CG1  
26 C CG2  . VAL A 2 ? 0.07242965 0.09760847 0.11639051 0.00313337  0.03117332  0.00435042  2   VAL A CG2  
27 H H    . VAL A 2 ? 0.06706537 0.10018046 0.05914133 -0.00439579 0.00881742  -0.00406706 2   VAL A H    
28 H HA   . VAL A 2 ? 0.06292378 0.10029557 0.06972612 0.00003221  0.01805236  -0.00267549 2   VAL A HA   
29 H HB   . VAL A 2 ? 0.06664829 0.10123298 0.08931299 0.00072723  0.03186113  -0.00314536 2   VAL A HB   
30 H HG11 . VAL A 2 ? 0.07232735 0.09770210 0.09645628 0.00045126  0.04209798  -0.00926018 2   VAL A HG11 
31 H HG12 . VAL A 2 ? 0.07359484 0.09803161 0.09401677 0.00123722  0.04183895  -0.00944278 2   VAL A HG12 
32 H HG13 . VAL A 2 ? 0.07125529 0.09716989 0.09395629 0.00111727  0.04239238  -0.00987344 2   VAL A HG13 
33 H HG21 . VAL A 2 ? 0.07116469 0.10036068 0.10785208 0.00054662  0.03177811  0.00305162  2   VAL A HG21 
34 H HG22 . VAL A 2 ? 0.07034699 0.09905886 0.10703822 0.00146021  0.03218261  0.00250912  2   VAL A HG22 
35 H HG23 . VAL A 2 ? 0.07131919 0.09955620 0.11125350 0.00197885  0.03423094  0.00341839  2   VAL A HG23 
36 N N    . GLY A 3 ? 0.06033673 0.09426916 0.06657924 -0.00499355 0.01750364  0.00126986  3   GLY A N    
37 C CA   . GLY A 3 ? 0.05342135 0.10060108 0.06652174 -0.00139509 0.02225605  0.00244572  3   GLY A CA   
38 C C    . GLY A 3 ? 0.04980331 0.09038690 0.07023662 -0.00028088 0.03868489  -0.00025954 3   GLY A C    
39 O O    . GLY A 3 ? 0.05367811 0.09250969 0.08637925 0.00263848  0.03281692  -0.01341658 3   GLY A O    
40 H H    . GLY A 3 ? 0.06024512 0.09363934 0.06573369 -0.00308822 0.01790777  0.00042237  3   GLY A H    
41 H HA2  . GLY A 3 ? 0.05411450 0.09630881 0.06747121 -0.00175362 0.02515470  0.00132915  3   GLY A HA2  
42 H HA3  . GLY A 3 ? 0.05399531 0.09644380 0.06675942 -0.00185244 0.02521901  0.00167911  3   GLY A HA3  
43 N N    . GLY A 4 ? 0.05711592 0.07920970 0.07678556 0.00980538  0.02932789  -0.01010987 4   GLY A N    
44 C CA   . GLY A 4 ? 0.07937600 0.08486620 0.06194645 -0.00522294 0.01653241  -0.00609434 4   GLY A CA   
45 C C    . GLY A 4 ? 0.05124417 0.08453665 0.05459694 -0.00803939 0.01657287  -0.00660620 4   GLY A C    
46 O O    . GLY A 4 ? 0.07283052 0.09500883 0.05881509 -0.01347099 0.01126969  -0.00525829 4   GLY A O    
47 H H    . GLY A 4 ? 0.05504630 0.08005029 0.07137520 0.00803017  0.03065726  -0.00815476 4   GLY A H    
48 H HA2  . GLY A 4 ? 0.06980838 0.08334726 0.06743188 -0.00250150 0.01730312  -0.00692954 4   GLY A HA2  
49 H HA3  . GLY A 4 ? 0.07411599 0.08330010 0.06470103 -0.00258687 0.02121941  -0.00721206 4   GLY A HA3  
50 N N    . VAL A 5 ? 0.09369783 0.08545604 0.05850956 -0.00736671 0.00615757  -0.00668479 5   VAL A N    
51 C CA   . VAL A 5 ? 0.10024806 0.09179402 0.06884716 -0.00147582 0.00134689  0.00078957  5   VAL A CA   
52 C C    . VAL A 5 ? 0.10909514 0.10902054 0.07703157 -0.02534694 -0.00148761 0.00551298  5   VAL A C    
53 O O    . VAL A 5 ? 0.14568630 0.13779128 0.09301034 -0.05672487 -0.01820488 0.02674659  5   VAL A O    
54 C CB   . VAL A 5 ? 0.14369751 0.09209800 0.07837732 0.01345255  0.01651738  -0.00603446 5   VAL A CB   
55 C CG1  . VAL A 5 ? 0.11914563 0.10715763 0.10134980 0.02012191  0.02721260  0.00278621  5   VAL A CG1  
56 C CG2  . VAL A 5 ? 0.16678839 0.10339588 0.09406338 0.02014845  0.01625459  -0.02224757 5   VAL A CG2  
57 H H    . VAL A 5 ? 0.08210361 0.08589323 0.05808691 -0.00576355 0.00855711  -0.00553649 5   VAL A H    
58 H HA   . VAL A 5 ? 0.10618745 0.09303131 0.06876079 -0.00459218 0.00433676  -0.00122688 5   VAL A HA   
59 H HB   . VAL A 5 ? 0.13254588 0.09388483 0.08118149 0.01200522  0.01478646  -0.00420712 5   VAL A HB   
60 H HG11 . VAL A 5 ? 0.12577791 0.10381400 0.09637936 0.01847305  0.02385466  -0.00079673 5   VAL A HG11 
61 H HG12 . VAL A 5 ? 0.12582571 0.10295234 0.10123554 0.01841887  0.02412425  0.00158849  5   VAL A HG12 
62 H HG13 . VAL A 5 ? 0.12408476 0.10138849 0.09584266 0.02003406  0.02456759  -0.00029387 5   VAL A HG13 
63 H HG21 . VAL A 5 ? 0.16134706 0.10136860 0.08908912 0.01702491  0.01567355  -0.01713644 5   VAL A HG21 
64 H HG22 . VAL A 5 ? 0.16261269 0.10294248 0.08878009 0.02014229  0.01653850  -0.01711314 5   VAL A HG22 
65 H HG23 . VAL A 5 ? 0.15856718 0.10460713 0.08994281 0.01653489  0.01677179  -0.02004913 5   VAL A HG23 
66 N N    . VAL A 6 ? 0.12224304 0.10016561 0.07451359 -0.02181188 -0.01511438 0.00377275  6   VAL A N    
67 C CA   . VAL A 6 ? 0.11856896 0.11427985 0.09938645 -0.02490794 0.00871349  -0.00333280 6   VAL A CA   
68 C C    . VAL A 6 ? 0.12042983 0.10916724 0.12086013 -0.02182548 0.00438801  -0.00516085 6   VAL A C    
69 O O    . VAL A 6 ? 0.12143262 0.11439183 0.12915499 -0.02599272 0.00939348  -0.00175756 6   VAL A O    
70 C CB   . VAL A 6 ? 0.12910496 0.10864651 0.13665962 0.01138324  0.01909251  -0.01283078 6   VAL A CB   
71 C CG1  . VAL A 6 ? 0.13034778 0.12313074 0.21787123 0.00161095  0.01531259  0.00407239  6   VAL A CG1  
72 C CG2  . VAL A 6 ? 0.14290645 0.15818123 0.14936748 0.00115426  -0.00287469 -0.01269624 6   VAL A CG2  
73 O OXT  . VAL A 6 ? 0.12349198 0.10627300 0.12069691 -0.01371203 0.00777584  -0.01579769 6   VAL A OXT  
74 H H    . VAL A 6 ? 0.11446468 0.10494940 0.07430021 -0.02295960 -0.01105185 0.00255536  6   VAL A H    
75 H HA   . VAL A 6 ? 0.12158379 0.10901959 0.10219745 -0.01844096 0.00346842  -0.00326418 6   VAL A HA   
76 H HB   . VAL A 6 ? 0.13126737 0.12152539 0.14000048 0.00314142  0.01225180  -0.00726448 6   VAL A HB   
77 H HG11 . VAL A 6 ? 0.13091661 0.11884967 0.19197724 0.00611954  0.01598035  -0.00139958 6   VAL A HG11 
78 H HG12 . VAL A 6 ? 0.13032605 0.11800033 0.20877402 0.00541028  0.01805894  -0.00122774 6   VAL A HG12 
79 H HG13 . VAL A 6 ? 0.13546160 0.11830512 0.19324976 0.00403937  0.01282843  -0.00099613 6   VAL A HG13 
80 H HG21 . VAL A 6 ? 0.14493863 0.14566107 0.14873985 -0.00009092 0.00049725  -0.01053379 6   VAL A HG21 
81 H HG22 . VAL A 6 ? 0.13922976 0.15218226 0.14718633 0.00253833  0.00447656  -0.01624030 6   VAL A HG22 
82 H HG23 . VAL A 6 ? 0.14074583 0.14395564 0.14611288 0.00438684  0.00445298  -0.01277817 6   VAL A HG23 
83 O O    . HOH B . ? 0.08877015 0.14437094 0.10689741 -0.00379568 0.03168130  -0.01129694 101 HOH A O    
84 O O    . HOH B . ? 0.25255556 0.13635556 0.14138812 -0.03754219 -0.02845826 0.00626563  102 HOH A O    
85 O O    . HOH B . ? 0.07339225 0.11115950 0.10543291 0.01532003  0.05556018  -0.00722098 103 HOH A O    
86 O O    . HOH B . ? 0.09680630 0.11319376 0.15734110 -0.00105378 0.03955915  0.01064969  104 HOH A O    
# 
